data_3OXK
#
_entry.id   3OXK
#
_cell.length_a   53.660
_cell.length_b   60.860
_cell.length_c   67.930
_cell.angle_alpha   90.000
_cell.angle_beta   90.000
_cell.angle_gamma   90.000
#
_symmetry.space_group_name_H-M   'C 2 2 21'
#
loop_
_entity.id
_entity.type
_entity.pdbx_description
1 polymer 'Putative histidine triad family protein'
2 non-polymer 'ZINC ION'
3 non-polymer "GUANOSINE-5'-MONOPHOSPHATE"
4 non-polymer ETHANOL
5 water water
#
_entity_poly.entity_id   1
_entity_poly.type   'polypeptide(L)'
_entity_poly.pdbx_seq_one_letter_code
;GPGSMADSCIFCKIAQKQIPSTIVYEDDEIFAFKDINPIAPIHILVIPKQHIASLNEITEENEAFIGKVLYKVSLIGKKE
CPEGYRVVNNIGEDAGQTVKHIHFHILGGKKLAWDKL
;
_entity_poly.pdbx_strand_id   A
#
# COMPACT_ATOMS: atom_id res chain seq x y z
N GLY A 3 -23.34 3.34 -3.93
CA GLY A 3 -23.05 3.73 -2.52
C GLY A 3 -21.59 4.12 -2.31
N SER A 4 -21.29 4.55 -1.09
CA SER A 4 -19.98 5.12 -0.75
C SER A 4 -18.86 4.08 -0.59
N MET A 5 -17.64 4.54 -0.85
CA MET A 5 -16.43 3.73 -0.70
C MET A 5 -16.18 3.34 0.74
N ALA A 6 -16.46 4.29 1.65
CA ALA A 6 -16.33 4.05 3.08
C ALA A 6 -17.13 2.80 3.50
N ASP A 7 -18.30 2.61 2.88
CA ASP A 7 -19.21 1.49 3.18
C ASP A 7 -18.91 0.22 2.35
N SER A 8 -18.14 0.34 1.27
CA SER A 8 -17.96 -0.78 0.30
C SER A 8 -16.52 -1.29 0.07
N CYS A 9 -15.55 -0.40 0.23
CA CYS A 9 -14.18 -0.73 -0.16
C CYS A 9 -13.42 -1.42 1.00
N ILE A 10 -12.85 -2.60 0.72
CA ILE A 10 -12.18 -3.39 1.76
C ILE A 10 -11.01 -2.61 2.40
N PHE A 11 -10.27 -1.85 1.60
CA PHE A 11 -9.12 -1.12 2.13
C PHE A 11 -9.55 0.14 2.86
N CYS A 12 -10.64 0.81 2.43
CA CYS A 12 -11.21 1.91 3.23
C CYS A 12 -11.60 1.40 4.62
N LYS A 13 -12.21 0.21 4.67
CA LYS A 13 -12.66 -0.36 5.93
C LYS A 13 -11.51 -0.79 6.79
N ILE A 14 -10.48 -1.42 6.21
CA ILE A 14 -9.29 -1.77 6.97
C ILE A 14 -8.66 -0.49 7.53
N ALA A 15 -8.56 0.55 6.72
CA ALA A 15 -7.99 1.81 7.19
C ALA A 15 -8.72 2.49 8.33
N GLN A 16 -10.03 2.25 8.43
CA GLN A 16 -10.87 2.73 9.53
C GLN A 16 -11.03 1.69 10.67
N LYS A 17 -10.30 0.59 10.53
CA LYS A 17 -10.32 -0.51 11.52
CA LYS A 17 -10.31 -0.51 11.51
C LYS A 17 -11.72 -1.12 11.70
N GLN A 18 -12.47 -1.09 10.62
CA GLN A 18 -13.78 -1.73 10.58
C GLN A 18 -13.61 -3.20 10.18
N ILE A 19 -12.46 -3.52 9.59
CA ILE A 19 -12.03 -4.90 9.30
C ILE A 19 -10.61 -5.00 9.90
N PRO A 20 -10.29 -6.10 10.64
CA PRO A 20 -9.02 -6.18 11.34
C PRO A 20 -7.83 -6.37 10.41
N SER A 21 -6.69 -5.86 10.86
CA SER A 21 -5.40 -6.08 10.22
C SER A 21 -4.31 -5.95 11.27
N THR A 22 -3.10 -6.36 10.89
CA THR A 22 -1.95 -6.28 11.76
C THR A 22 -1.28 -4.97 11.35
N ILE A 23 -1.44 -3.97 12.20
CA ILE A 23 -1.01 -2.58 11.89
C ILE A 23 0.50 -2.44 12.09
N VAL A 24 1.13 -1.85 11.09
CA VAL A 24 2.54 -1.51 11.12
C VAL A 24 2.74 -0.04 11.47
N TYR A 25 1.90 0.82 10.90
CA TYR A 25 1.96 2.26 11.17
C TYR A 25 0.67 2.90 10.73
N GLU A 26 0.22 3.91 11.45
CA GLU A 26 -0.84 4.74 10.91
C GLU A 26 -0.72 6.18 11.36
N ASP A 27 -1.24 7.08 10.55
CA ASP A 27 -1.40 8.45 10.94
C ASP A 27 -2.68 9.00 10.30
N ASP A 28 -2.89 10.31 10.35
CA ASP A 28 -4.15 10.85 9.87
C ASP A 28 -4.33 10.69 8.38
N GLU A 29 -3.23 10.46 7.67
CA GLU A 29 -3.17 10.39 6.19
C GLU A 29 -3.04 8.98 5.63
N ILE A 30 -2.28 8.13 6.30
CA ILE A 30 -1.94 6.80 5.77
C ILE A 30 -2.15 5.69 6.78
N PHE A 31 -2.19 4.48 6.26
CA PHE A 31 -2.40 3.28 7.08
C PHE A 31 -1.55 2.19 6.45
N ALA A 32 -0.75 1.50 7.28
CA ALA A 32 0.13 0.46 6.81
C ALA A 32 -0.07 -0.79 7.66
N PHE A 33 -0.16 -1.94 7.01
CA PHE A 33 -0.54 -3.19 7.67
C PHE A 33 0.12 -4.37 6.93
N LYS A 34 0.26 -5.50 7.61
CA LYS A 34 0.89 -6.68 7.01
C LYS A 34 0.00 -7.34 5.97
N ASP A 35 0.60 -7.73 4.84
CA ASP A 35 -0.10 -8.49 3.81
C ASP A 35 -0.49 -9.84 4.37
N ILE A 36 -1.72 -10.24 4.13
CA ILE A 36 -2.27 -11.51 4.58
C ILE A 36 -1.69 -12.75 3.87
N ASN A 37 -1.18 -12.54 2.66
CA ASN A 37 -0.69 -13.60 1.82
C ASN A 37 0.68 -13.17 1.30
N PRO A 38 1.65 -13.11 2.22
CA PRO A 38 2.93 -12.49 1.82
C PRO A 38 3.71 -13.28 0.77
N ILE A 39 4.45 -12.55 -0.06
CA ILE A 39 5.41 -13.16 -0.97
C ILE A 39 6.88 -12.90 -0.61
N ALA A 40 7.10 -12.33 0.56
CA ALA A 40 8.43 -12.08 1.11
C ALA A 40 8.32 -12.10 2.63
N PRO A 41 9.43 -12.32 3.35
CA PRO A 41 9.37 -12.41 4.79
C PRO A 41 8.95 -11.11 5.47
N ILE A 42 9.14 -9.97 4.82
CA ILE A 42 8.53 -8.69 5.20
C ILE A 42 7.70 -8.26 3.99
N HIS A 43 6.40 -8.04 4.21
CA HIS A 43 5.49 -7.70 3.14
C HIS A 43 4.40 -6.85 3.78
N ILE A 44 4.52 -5.54 3.57
CA ILE A 44 3.67 -4.53 4.19
C ILE A 44 2.92 -3.81 3.08
N LEU A 45 1.65 -3.48 3.30
CA LEU A 45 0.89 -2.66 2.39
C LEU A 45 0.74 -1.30 3.02
N VAL A 46 0.97 -0.27 2.22
CA VAL A 46 0.76 1.11 2.66
C VAL A 46 -0.34 1.72 1.77
N ILE A 47 -1.37 2.26 2.39
CA ILE A 47 -2.46 2.91 1.67
C ILE A 47 -2.74 4.30 2.20
N PRO A 48 -3.19 5.22 1.33
CA PRO A 48 -3.82 6.42 1.85
C PRO A 48 -5.14 6.05 2.50
N LYS A 49 -5.54 6.77 3.54
CA LYS A 49 -6.85 6.56 4.12
C LYS A 49 -7.98 6.98 3.16
N GLN A 50 -7.71 8.06 2.42
CA GLN A 50 -8.62 8.47 1.36
C GLN A 50 -8.63 7.48 0.22
N HIS A 51 -9.78 7.37 -0.41
CA HIS A 51 -9.97 6.43 -1.47
C HIS A 51 -9.53 7.03 -2.80
N ILE A 52 -8.46 6.46 -3.35
CA ILE A 52 -7.98 6.76 -4.70
C ILE A 52 -7.84 5.35 -5.34
N ALA A 53 -8.43 5.13 -6.51
CA ALA A 53 -8.56 3.76 -7.03
C ALA A 53 -7.27 3.08 -7.50
N SER A 54 -6.38 3.83 -8.13
CA SER A 54 -5.12 3.30 -8.65
C SER A 54 -4.21 4.43 -8.98
N LEU A 55 -3.00 4.09 -9.41
CA LEU A 55 -2.08 5.12 -9.83
C LEU A 55 -2.58 5.93 -11.02
N ASN A 56 -3.43 5.34 -11.85
CA ASN A 56 -3.98 6.08 -12.99
C ASN A 56 -4.94 7.20 -12.59
N GLU A 57 -5.28 7.27 -11.30
CA GLU A 57 -6.13 8.35 -10.79
C GLU A 57 -5.32 9.48 -10.17
N ILE A 58 -3.99 9.41 -10.23
CA ILE A 58 -3.14 10.55 -9.86
C ILE A 58 -3.36 11.65 -10.89
N THR A 59 -3.50 12.89 -10.43
CA THR A 59 -3.70 14.03 -11.31
C THR A 59 -2.59 15.05 -11.03
N GLU A 60 -2.45 16.04 -11.91
CA GLU A 60 -1.44 17.06 -11.72
C GLU A 60 -1.73 17.78 -10.41
N GLU A 61 -2.98 17.69 -9.95
CA GLU A 61 -3.45 18.36 -8.74
C GLU A 61 -3.22 17.60 -7.42
N ASN A 62 -3.22 16.26 -7.45
CA ASN A 62 -2.98 15.46 -6.23
C ASN A 62 -1.57 14.82 -6.23
N GLU A 63 -0.76 15.16 -7.21
CA GLU A 63 0.58 14.59 -7.31
C GLU A 63 1.40 14.86 -6.04
N ALA A 64 1.28 16.05 -5.45
CA ALA A 64 2.02 16.38 -4.20
C ALA A 64 1.66 15.42 -3.05
N PHE A 65 0.37 15.16 -2.85
CA PHE A 65 -0.06 14.21 -1.84
C PHE A 65 0.48 12.80 -2.11
N ILE A 66 0.45 12.33 -3.35
CA ILE A 66 1.02 10.99 -3.65
C ILE A 66 2.55 10.95 -3.38
N GLY A 67 3.25 12.06 -3.65
CA GLY A 67 4.64 12.26 -3.24
C GLY A 67 4.86 12.08 -1.74
N LYS A 68 3.96 12.67 -0.96
CA LYS A 68 3.98 12.52 0.50
C LYS A 68 3.77 11.07 0.94
N VAL A 69 2.81 10.39 0.30
CA VAL A 69 2.58 8.98 0.58
C VAL A 69 3.85 8.20 0.27
N LEU A 70 4.50 8.47 -0.86
CA LEU A 70 5.72 7.74 -1.22
C LEU A 70 6.88 8.06 -0.23
N TYR A 71 6.97 9.31 0.23
CA TYR A 71 7.94 9.65 1.27
C TYR A 71 7.67 8.81 2.51
N LYS A 72 6.42 8.72 2.94
CA LYS A 72 6.12 7.90 4.12
C LYS A 72 6.39 6.42 3.88
N VAL A 73 6.14 5.91 2.67
CA VAL A 73 6.55 4.56 2.29
C VAL A 73 8.05 4.36 2.53
N SER A 74 8.85 5.35 2.19
CA SER A 74 10.30 5.26 2.36
C SER A 74 10.68 5.27 3.83
N LEU A 75 9.96 6.05 4.63
CA LEU A 75 10.24 6.10 6.08
C LEU A 75 9.93 4.75 6.73
N ILE A 76 8.85 4.13 6.29
CA ILE A 76 8.47 2.82 6.80
C ILE A 76 9.48 1.78 6.29
N GLY A 77 9.81 1.81 5.01
CA GLY A 77 10.76 0.87 4.43
C GLY A 77 12.11 0.93 5.10
N LYS A 78 12.64 2.12 5.31
CA LYS A 78 14.01 2.20 5.85
C LYS A 78 14.10 1.73 7.33
N LYS A 79 12.99 1.81 8.04
CA LYS A 79 12.88 1.35 9.43
C LYS A 79 12.73 -0.17 9.44
N GLU A 80 11.72 -0.68 8.73
CA GLU A 80 11.42 -2.10 8.77
C GLU A 80 12.41 -2.96 7.98
N CYS A 81 13.03 -2.38 6.98
CA CYS A 81 13.90 -3.10 6.07
C CYS A 81 15.25 -2.37 5.90
N PRO A 82 16.06 -2.35 6.96
CA PRO A 82 17.32 -1.59 6.86
C PRO A 82 18.34 -2.10 5.85
N GLU A 83 18.22 -3.35 5.41
CA GLU A 83 19.15 -3.88 4.43
C GLU A 83 18.60 -3.82 3.00
N GLY A 84 17.46 -3.16 2.84
CA GLY A 84 16.90 -2.85 1.51
C GLY A 84 15.48 -3.35 1.39
N TYR A 85 14.75 -2.74 0.48
CA TYR A 85 13.35 -3.09 0.27
C TYR A 85 12.94 -2.72 -1.14
N ARG A 86 11.89 -3.37 -1.61
CA ARG A 86 11.34 -3.12 -2.95
C ARG A 86 9.93 -2.57 -2.78
N VAL A 87 9.57 -1.54 -3.57
CA VAL A 87 8.21 -0.98 -3.55
C VAL A 87 7.56 -1.31 -4.86
N VAL A 88 6.34 -1.83 -4.78
CA VAL A 88 5.58 -2.29 -5.95
C VAL A 88 4.18 -1.70 -5.92
N ASN A 89 3.71 -1.22 -7.06
CA ASN A 89 2.32 -0.81 -7.24
C ASN A 89 1.78 -1.44 -8.51
N ASN A 90 0.59 -2.03 -8.41
CA ASN A 90 -0.07 -2.74 -9.51
C ASN A 90 -1.26 -1.92 -10.02
N ILE A 91 -1.29 -1.71 -11.33
CA ILE A 91 -2.34 -0.96 -11.98
C ILE A 91 -3.04 -1.87 -12.99
N GLY A 92 -4.30 -2.19 -12.71
CA GLY A 92 -5.14 -2.88 -13.67
C GLY A 92 -4.87 -4.34 -13.89
N GLU A 93 -5.47 -4.85 -14.97
CA GLU A 93 -5.65 -6.28 -15.20
C GLU A 93 -4.31 -7.00 -15.36
N ASP A 94 -3.44 -6.51 -16.23
CA ASP A 94 -2.19 -7.23 -16.53
C ASP A 94 -1.29 -7.28 -15.30
N ALA A 95 -1.37 -6.27 -14.43
CA ALA A 95 -0.60 -6.27 -13.20
C ALA A 95 -1.23 -7.05 -12.09
N GLY A 96 -2.47 -7.48 -12.28
CA GLY A 96 -3.18 -8.27 -11.27
C GLY A 96 -3.77 -7.46 -10.15
N GLN A 97 -4.02 -6.18 -10.39
CA GLN A 97 -4.58 -5.35 -9.34
C GLN A 97 -5.90 -5.90 -8.91
N THR A 98 -6.02 -6.21 -7.63
CA THR A 98 -7.25 -6.81 -7.11
C THR A 98 -8.07 -5.65 -6.53
N VAL A 99 -7.59 -5.09 -5.43
CA VAL A 99 -8.34 -4.08 -4.72
C VAL A 99 -8.13 -2.71 -5.37
N LYS A 100 -9.24 -2.05 -5.70
CA LYS A 100 -9.20 -0.74 -6.36
CA LYS A 100 -9.21 -0.75 -6.37
C LYS A 100 -9.14 0.40 -5.35
N HIS A 101 -8.10 0.37 -4.53
CA HIS A 101 -7.75 1.42 -3.60
C HIS A 101 -6.26 1.35 -3.57
N ILE A 102 -5.61 2.42 -4.01
CA ILE A 102 -4.17 2.39 -4.23
C ILE A 102 -3.43 1.88 -3.00
N HIS A 103 -2.48 0.96 -3.25
CA HIS A 103 -1.70 0.34 -2.16
C HIS A 103 -0.28 0.07 -2.65
N PHE A 104 0.69 0.52 -1.88
CA PHE A 104 2.09 0.26 -2.17
C PHE A 104 2.56 -0.94 -1.36
N HIS A 105 3.15 -1.91 -2.04
CA HIS A 105 3.77 -3.06 -1.40
C HIS A 105 5.18 -2.68 -1.00
N ILE A 106 5.54 -2.96 0.26
CA ILE A 106 6.93 -2.90 0.71
C ILE A 106 7.39 -4.32 0.99
N LEU A 107 8.42 -4.76 0.27
CA LEU A 107 8.89 -6.14 0.30
C LEU A 107 10.34 -6.19 0.73
N GLY A 108 10.70 -7.11 1.62
CA GLY A 108 12.08 -7.23 2.06
C GLY A 108 12.33 -8.38 3.01
N GLY A 109 13.44 -8.35 3.72
CA GLY A 109 13.77 -9.38 4.70
C GLY A 109 14.58 -10.53 4.15
N LYS A 110 14.90 -10.48 2.86
CA LYS A 110 15.75 -11.45 2.17
C LYS A 110 16.29 -10.81 0.90
N LYS A 111 17.27 -11.43 0.26
CA LYS A 111 17.70 -11.04 -1.09
C LYS A 111 16.56 -11.44 -2.02
N LEU A 112 15.85 -10.44 -2.52
CA LEU A 112 14.61 -10.64 -3.26
C LEU A 112 14.92 -11.08 -4.67
N ALA A 113 14.19 -12.08 -5.14
CA ALA A 113 14.36 -12.56 -6.52
C ALA A 113 14.06 -11.47 -7.55
N TRP A 114 14.66 -11.60 -8.74
CA TRP A 114 14.31 -10.77 -9.90
C TRP A 114 14.20 -11.69 -11.07
N ASP A 115 12.98 -12.18 -11.27
CA ASP A 115 12.68 -13.26 -12.19
C ASP A 115 11.79 -12.72 -13.30
N LYS A 116 11.82 -13.40 -14.44
CA LYS A 116 10.93 -13.04 -15.56
C LYS A 116 9.50 -13.09 -15.08
N LEU A 117 8.70 -12.14 -15.54
CA LEU A 117 7.29 -12.03 -15.14
C LEU A 117 6.41 -12.66 -16.20
#